data_8QBF
#
_entry.id   8QBF
#
loop_
_entity.id
_entity.type
_entity.pdbx_description
1 polymer 'Sphingolipid long chain base-responsive protein PIL1'
2 non-polymer D-MYO-INOSITOL-1,4,5-TRIPHOSPHATE
3 non-polymer PHOSPHOSERINE
#
_entity_poly.entity_id   1
_entity_poly.type   'polypeptide(L)'
_entity_poly.pdbx_seq_one_letter_code
;MHRTYSLRNSRAPTASQLQNPPPPPSTTKGRFFGKGGLAYSFRRSAAGAFGPELSRKLSQLVKIEKNVLRSMELTANERR
DAAKQLSIWGLENDDDVSDITDKLGVLIYEVSELDDQFIDRYDQYRLTLKSIRDIEGSVQPSRDRKDKITDKIAYLKYKD
PQSPKIEVLEQELVRAEAESLVAEAQLSNITRSKLRAAFNYQFDSIIEHSEKIALIAGYGKALLELLDDSPVTPGETRPA
YDGYEASKQIIIDAESALNEWTLDSAQVKPT
;
_entity_poly.pdbx_strand_id   A,B
#
loop_
_chem_comp.id
_chem_comp.type
_chem_comp.name
_chem_comp.formula
I3P non-polymer D-MYO-INOSITOL-1,4,5-TRIPHOSPHATE 'C6 H15 O15 P3'
#
# COMPACT_ATOMS: atom_id res chain seq x y z
N MET A 1 -2.94 2.45 18.42
CA MET A 1 -1.61 2.92 18.74
C MET A 1 -0.96 2.10 19.87
N HIS A 2 0.35 1.96 19.80
CA HIS A 2 1.11 1.04 20.65
C HIS A 2 1.85 1.75 21.78
N ARG A 3 1.67 3.07 21.90
CA ARG A 3 2.45 3.84 22.87
C ARG A 3 2.01 3.51 24.29
N THR A 4 2.98 3.23 25.15
CA THR A 4 2.75 3.03 26.57
C THR A 4 2.80 4.38 27.28
N TYR A 5 2.35 4.41 28.53
CA TYR A 5 2.31 5.68 29.24
C TYR A 5 3.71 6.18 29.56
N SER A 6 4.25 6.95 28.62
CA SER A 6 5.54 7.60 28.68
C SER A 6 5.53 8.74 27.67
N LEU A 7 6.38 9.74 27.91
CA LEU A 7 6.50 10.84 26.96
C LEU A 7 7.24 10.43 25.69
N ARG A 8 7.78 9.22 25.65
CA ARG A 8 8.55 8.75 24.52
C ARG A 8 7.71 8.62 23.26
N ASN A 9 8.26 9.07 22.14
CA ASN A 9 7.68 8.78 20.83
C ASN A 9 8.27 7.46 20.32
N SER A 10 8.21 6.46 21.19
CA SER A 10 8.69 5.12 20.91
C SER A 10 7.83 4.13 21.68
N ARG A 11 7.55 3.00 21.05
CA ARG A 11 6.62 2.01 21.57
C ARG A 11 7.39 0.78 22.04
N ALA A 12 6.84 0.10 23.04
CA ALA A 12 7.46 -1.10 23.55
C ALA A 12 7.56 -2.15 22.43
N PRO A 13 8.71 -2.78 22.25
CA PRO A 13 8.87 -3.74 21.16
C PRO A 13 7.90 -4.91 21.32
N THR A 14 7.35 -5.35 20.18
CA THR A 14 6.45 -6.48 20.15
C THR A 14 7.25 -7.77 20.03
N ALA A 15 6.56 -8.90 19.84
CA ALA A 15 7.26 -10.17 19.67
C ALA A 15 8.13 -10.16 18.41
N SER A 16 7.60 -9.63 17.31
CA SER A 16 8.42 -9.50 16.10
C SER A 16 9.58 -8.55 16.32
N GLN A 17 9.33 -7.43 17.00
CA GLN A 17 10.41 -6.50 17.32
C GLN A 17 11.38 -7.07 18.35
N LEU A 18 10.93 -8.01 19.18
CA LEU A 18 11.84 -8.69 20.10
C LEU A 18 12.68 -9.74 19.38
N GLN A 19 12.15 -10.34 18.32
CA GLN A 19 12.88 -11.37 17.60
C GLN A 19 14.17 -10.81 16.99
N ASN A 20 14.07 -9.64 16.35
CA ASN A 20 15.23 -8.99 15.76
C ASN A 20 15.13 -7.49 15.95
N PRO A 21 16.26 -6.79 16.00
CA PRO A 21 16.22 -5.33 16.12
C PRO A 21 15.55 -4.70 14.91
N PRO A 22 14.79 -3.62 15.10
CA PRO A 22 14.14 -2.99 13.95
C PRO A 22 15.17 -2.35 13.04
N PRO A 23 14.90 -2.30 11.74
CA PRO A 23 15.84 -1.67 10.81
C PRO A 23 15.92 -0.18 11.03
N PRO A 24 17.03 0.45 10.66
CA PRO A 24 17.15 1.91 10.83
C PRO A 24 16.14 2.64 9.96
N PRO A 25 15.83 3.89 10.30
CA PRO A 25 14.83 4.64 9.52
C PRO A 25 15.27 4.80 8.07
N SER A 26 14.28 4.90 7.18
CA SER A 26 14.54 4.95 5.74
C SER A 26 15.43 6.13 5.38
N THR A 27 16.36 5.89 4.46
CA THR A 27 17.28 6.92 4.00
C THR A 27 16.65 7.86 2.97
N THR A 28 15.46 7.55 2.47
CA THR A 28 14.79 8.38 1.48
C THR A 28 13.93 9.47 2.09
N LYS A 29 13.92 9.62 3.41
CA LYS A 29 13.13 10.65 4.06
C LYS A 29 13.80 12.00 3.89
N GLY A 30 13.51 12.69 2.79
CA GLY A 30 14.11 13.98 2.51
C GLY A 30 13.40 15.11 3.25
N ARG A 31 13.86 16.33 2.96
CA ARG A 31 13.32 17.53 3.57
C ARG A 31 12.44 18.26 2.56
N PHE A 32 11.18 18.43 2.90
CA PHE A 32 10.20 19.09 2.04
C PHE A 32 8.97 19.39 2.91
N PHE A 33 7.87 19.79 2.27
CA PHE A 33 6.61 20.00 2.96
C PHE A 33 6.03 18.72 3.54
N GLY A 34 6.67 17.57 3.32
CA GLY A 34 6.18 16.30 3.81
C GLY A 34 5.15 15.64 2.92
N LYS A 35 4.81 16.25 1.78
CA LYS A 35 3.80 15.68 0.90
C LYS A 35 4.18 15.71 -0.58
N GLY A 36 5.17 16.48 -1.01
CA GLY A 36 5.63 16.42 -2.38
C GLY A 36 5.35 17.64 -3.24
N GLY A 37 4.17 18.23 -3.11
CA GLY A 37 3.79 19.36 -3.95
C GLY A 37 2.83 20.32 -3.30
N LEU A 38 2.11 21.10 -4.11
CA LEU A 38 1.23 22.14 -3.59
C LEU A 38 -0.16 22.20 -4.23
N ALA A 39 -0.36 21.59 -5.41
CA ALA A 39 -1.66 21.70 -6.07
C ALA A 39 -2.75 20.97 -5.28
N TYR A 40 -2.45 19.74 -4.84
CA TYR A 40 -3.39 19.00 -4.01
C TYR A 40 -3.63 19.70 -2.67
N SER A 41 -2.59 20.34 -2.13
CA SER A 41 -2.77 21.12 -0.90
C SER A 41 -3.71 22.30 -1.13
N PHE A 42 -3.58 22.97 -2.28
CA PHE A 42 -4.50 24.04 -2.63
C PHE A 42 -5.91 23.52 -2.77
N ARG A 43 -6.08 22.34 -3.39
CA ARG A 43 -7.41 21.74 -3.49
C ARG A 43 -7.98 21.44 -2.12
N ARG A 44 -7.18 20.89 -1.22
CA ARG A 44 -7.64 20.57 0.12
C ARG A 44 -8.03 21.83 0.87
N SER A 45 -7.23 22.90 0.75
CA SER A 45 -7.55 24.16 1.41
C SER A 45 -8.82 24.78 0.84
N ALA A 46 -9.02 24.68 -0.47
CA ALA A 46 -10.26 25.16 -1.07
C ALA A 46 -11.46 24.38 -0.56
N ALA A 47 -11.29 23.06 -0.37
CA ALA A 47 -12.34 22.28 0.27
C ALA A 47 -12.57 22.72 1.71
N GLY A 48 -11.53 23.24 2.36
CA GLY A 48 -11.63 23.74 3.71
C GLY A 48 -11.96 25.21 3.85
N ALA A 49 -12.28 25.89 2.76
CA ALA A 49 -12.65 27.31 2.80
C ALA A 49 -14.02 27.59 2.22
N PHE A 50 -14.32 27.06 1.03
CA PHE A 50 -15.49 27.49 0.28
C PHE A 50 -16.75 26.72 0.62
N GLY A 51 -16.64 25.45 1.01
CA GLY A 51 -17.80 24.62 1.25
C GLY A 51 -18.59 25.05 2.46
N PRO A 52 -19.81 24.53 2.60
CA PRO A 52 -20.60 24.82 3.79
C PRO A 52 -19.89 24.34 5.04
N GLU A 53 -20.08 25.08 6.14
CA GLU A 53 -19.27 24.87 7.33
C GLU A 53 -19.38 23.45 7.86
N LEU A 54 -20.61 22.97 8.05
CA LEU A 54 -20.78 21.67 8.69
C LEU A 54 -20.45 20.51 7.75
N SER A 55 -20.46 20.75 6.43
CA SER A 55 -20.04 19.76 5.45
C SER A 55 -18.60 19.95 4.99
N ARG A 56 -17.93 21.00 5.45
CA ARG A 56 -16.57 21.29 4.99
C ARG A 56 -15.61 20.18 5.38
N LYS A 57 -15.72 19.68 6.61
CA LYS A 57 -14.79 18.64 7.07
C LYS A 57 -14.97 17.35 6.27
N LEU A 58 -16.21 16.96 6.00
CA LEU A 58 -16.44 15.74 5.23
C LEU A 58 -16.01 15.90 3.78
N SER A 59 -16.22 17.08 3.20
CA SER A 59 -15.71 17.34 1.85
C SER A 59 -14.19 17.25 1.82
N GLN A 60 -13.53 17.79 2.84
CA GLN A 60 -12.08 17.66 2.94
C GLN A 60 -11.67 16.19 3.06
N LEU A 61 -12.41 15.41 3.84
CA LEU A 61 -12.12 13.98 3.95
C LEU A 61 -12.23 13.30 2.59
N VAL A 62 -13.25 13.65 1.82
CA VAL A 62 -13.42 13.05 0.49
C VAL A 62 -12.26 13.43 -0.42
N LYS A 63 -11.84 14.71 -0.38
CA LYS A 63 -10.71 15.14 -1.20
C LYS A 63 -9.43 14.42 -0.81
N ILE A 64 -9.17 14.29 0.49
CA ILE A 64 -7.96 13.63 0.95
C ILE A 64 -8.00 12.14 0.59
N GLU A 65 -9.18 11.54 0.65
CA GLU A 65 -9.33 10.14 0.28
C GLU A 65 -9.06 9.95 -1.22
N LYS A 66 -9.52 10.91 -2.04
CA LYS A 66 -9.19 10.89 -3.46
C LYS A 66 -7.68 10.99 -3.67
N ASN A 67 -7.02 11.85 -2.91
CA ASN A 67 -5.56 11.93 -2.97
C ASN A 67 -4.91 10.60 -2.62
N VAL A 68 -5.42 9.94 -1.57
CA VAL A 68 -4.89 8.65 -1.17
C VAL A 68 -5.07 7.62 -2.27
N LEU A 69 -6.24 7.61 -2.91
CA LEU A 69 -6.48 6.67 -4.00
C LEU A 69 -5.56 6.94 -5.19
N ARG A 70 -5.35 8.22 -5.51
CA ARG A 70 -4.42 8.57 -6.59
C ARG A 70 -3.02 8.06 -6.28
N SER A 71 -2.56 8.27 -5.05
CA SER A 71 -1.23 7.82 -4.68
C SER A 71 -1.14 6.30 -4.70
N MET A 72 -2.20 5.63 -4.27
CA MET A 72 -2.18 4.16 -4.24
C MET A 72 -2.13 3.59 -5.65
N GLU A 73 -2.91 4.15 -6.58
CA GLU A 73 -2.86 3.64 -7.95
C GLU A 73 -1.51 3.96 -8.60
N LEU A 74 -0.95 5.13 -8.30
CA LEU A 74 0.36 5.47 -8.84
C LEU A 74 1.43 4.50 -8.33
N THR A 75 1.40 4.20 -7.04
CA THR A 75 2.41 3.30 -6.48
C THR A 75 2.18 1.86 -6.93
N ALA A 76 0.93 1.47 -7.18
CA ALA A 76 0.68 0.15 -7.75
C ALA A 76 1.26 0.03 -9.16
N ASN A 77 1.06 1.06 -9.99
CA ASN A 77 1.65 1.06 -11.32
C ASN A 77 3.18 1.03 -11.23
N GLU A 78 3.75 1.79 -10.30
CA GLU A 78 5.21 1.80 -10.16
C GLU A 78 5.73 0.45 -9.67
N ARG A 79 4.99 -0.22 -8.78
CA ARG A 79 5.39 -1.55 -8.35
C ARG A 79 5.31 -2.56 -9.50
N ARG A 80 4.29 -2.43 -10.34
CA ARG A 80 4.20 -3.26 -11.54
C ARG A 80 5.41 -3.07 -12.44
N ASP A 81 5.77 -1.80 -12.69
CA ASP A 81 6.95 -1.52 -13.52
C ASP A 81 8.22 -2.06 -12.86
N ALA A 82 8.32 -1.93 -11.54
CA ALA A 82 9.49 -2.43 -10.82
C ALA A 82 9.62 -3.93 -10.96
N ALA A 83 8.51 -4.66 -10.82
CA ALA A 83 8.54 -6.11 -10.99
C ALA A 83 8.97 -6.48 -12.40
N LYS A 84 8.38 -5.80 -13.39
CA LYS A 84 8.72 -6.11 -14.78
C LYS A 84 10.20 -5.90 -15.04
N GLN A 85 10.74 -4.76 -14.61
CA GLN A 85 12.13 -4.43 -14.94
C GLN A 85 13.11 -5.21 -14.06
N LEU A 86 12.69 -5.61 -12.86
CA LEU A 86 13.48 -6.54 -12.07
C LEU A 86 13.62 -7.88 -12.77
N SER A 87 12.52 -8.44 -13.29
CA SER A 87 12.62 -9.68 -14.04
C SER A 87 13.43 -9.47 -15.32
N ILE A 88 13.33 -8.27 -15.90
CA ILE A 88 14.15 -7.92 -17.06
C ILE A 88 15.62 -8.03 -16.73
N TRP A 89 16.03 -7.47 -15.59
CA TRP A 89 17.42 -7.61 -15.16
C TRP A 89 17.78 -9.06 -14.91
N GLY A 90 16.86 -9.82 -14.31
CA GLY A 90 17.13 -11.22 -14.02
C GLY A 90 17.13 -12.12 -15.24
N LEU A 91 16.74 -11.61 -16.40
CA LEU A 91 16.77 -12.42 -17.62
C LEU A 91 18.19 -12.89 -17.93
N GLU A 92 19.15 -11.97 -17.94
CA GLU A 92 20.54 -12.31 -18.26
C GLU A 92 21.28 -12.66 -16.97
N ASN A 93 21.03 -13.88 -16.50
CA ASN A 93 21.67 -14.42 -15.31
C ASN A 93 21.67 -15.94 -15.41
N ASP A 94 21.93 -16.60 -14.29
CA ASP A 94 21.84 -18.05 -14.25
C ASP A 94 20.42 -18.49 -14.55
N ASP A 95 20.28 -19.67 -15.18
CA ASP A 95 18.97 -20.16 -15.55
C ASP A 95 18.07 -20.34 -14.34
N ASP A 96 18.63 -20.87 -13.24
CA ASP A 96 17.90 -20.94 -12.00
C ASP A 96 17.52 -19.54 -11.51
N VAL A 97 18.48 -18.61 -11.56
CA VAL A 97 18.22 -17.24 -11.16
C VAL A 97 17.17 -16.61 -12.07
N SER A 98 17.28 -16.85 -13.38
CA SER A 98 16.31 -16.29 -14.31
C SER A 98 14.91 -16.78 -14.00
N ASP A 99 14.76 -18.09 -13.79
CA ASP A 99 13.44 -18.65 -13.49
C ASP A 99 12.88 -18.12 -12.18
N ILE A 100 13.72 -18.07 -11.14
CA ILE A 100 13.24 -17.63 -9.83
C ILE A 100 12.81 -16.17 -9.89
N THR A 101 13.61 -15.31 -10.54
CA THR A 101 13.24 -13.90 -10.60
C THR A 101 12.03 -13.69 -11.51
N ASP A 102 11.87 -14.51 -12.55
CA ASP A 102 10.68 -14.40 -13.39
C ASP A 102 9.43 -14.74 -12.61
N LYS A 103 9.46 -15.83 -11.84
CA LYS A 103 8.31 -16.21 -11.04
C LYS A 103 8.02 -15.17 -9.95
N LEU A 104 9.08 -14.60 -9.36
CA LEU A 104 8.88 -13.52 -8.40
C LEU A 104 8.22 -12.31 -9.07
N GLY A 105 8.62 -12.01 -10.31
CA GLY A 105 7.96 -10.94 -11.04
C GLY A 105 6.49 -11.21 -11.26
N VAL A 106 6.13 -12.45 -11.60
CA VAL A 106 4.72 -12.80 -11.73
C VAL A 106 3.99 -12.62 -10.41
N LEU A 107 4.62 -13.01 -9.30
CA LEU A 107 3.97 -12.87 -8.00
C LEU A 107 3.74 -11.40 -7.66
N ILE A 108 4.73 -10.55 -7.93
CA ILE A 108 4.53 -9.12 -7.69
C ILE A 108 3.48 -8.54 -8.64
N TYR A 109 3.39 -9.09 -9.85
CA TYR A 109 2.31 -8.70 -10.76
C TYR A 109 0.95 -9.03 -10.16
N GLU A 110 0.82 -10.21 -9.56
CA GLU A 110 -0.42 -10.56 -8.87
C GLU A 110 -0.69 -9.61 -7.72
N VAL A 111 0.35 -9.26 -6.96
CA VAL A 111 0.18 -8.31 -5.87
C VAL A 111 -0.33 -6.98 -6.40
N SER A 112 0.21 -6.51 -7.53
CA SER A 112 -0.23 -5.26 -8.11
C SER A 112 -1.69 -5.31 -8.56
N GLU A 113 -2.09 -6.41 -9.20
CA GLU A 113 -3.48 -6.50 -9.66
C GLU A 113 -4.45 -6.61 -8.48
N LEU A 114 -4.04 -7.30 -7.42
CA LEU A 114 -4.87 -7.33 -6.21
C LEU A 114 -4.95 -5.96 -5.58
N ASP A 115 -3.86 -5.19 -5.62
CA ASP A 115 -3.89 -3.82 -5.15
C ASP A 115 -4.87 -2.98 -5.97
N ASP A 116 -4.91 -3.20 -7.29
CA ASP A 116 -5.86 -2.48 -8.13
C ASP A 116 -7.30 -2.82 -7.77
N GLN A 117 -7.58 -4.11 -7.53
CA GLN A 117 -8.93 -4.50 -7.12
C GLN A 117 -9.31 -3.87 -5.79
N PHE A 118 -8.39 -3.90 -4.82
CA PHE A 118 -8.63 -3.24 -3.54
C PHE A 118 -8.83 -1.74 -3.72
N ILE A 119 -8.14 -1.15 -4.69
CA ILE A 119 -8.30 0.28 -4.98
C ILE A 119 -9.70 0.56 -5.52
N ASP A 120 -10.21 -0.33 -6.37
CA ASP A 120 -11.58 -0.16 -6.85
C ASP A 120 -12.58 -0.25 -5.70
N ARG A 121 -12.39 -1.21 -4.80
CA ARG A 121 -13.28 -1.30 -3.63
C ARG A 121 -13.15 -0.05 -2.75
N TYR A 122 -11.93 0.45 -2.59
CA TYR A 122 -11.68 1.63 -1.78
C TYR A 122 -12.36 2.85 -2.38
N ASP A 123 -12.36 2.95 -3.72
CA ASP A 123 -13.07 4.04 -4.38
C ASP A 123 -14.58 3.89 -4.23
N GLN A 124 -15.10 2.67 -4.22
CA GLN A 124 -16.52 2.48 -3.93
C GLN A 124 -16.87 2.99 -2.54
N TYR A 125 -16.01 2.68 -1.57
CA TYR A 125 -16.21 3.18 -0.20
C TYR A 125 -16.12 4.71 -0.18
N ARG A 126 -15.19 5.28 -0.93
CA ARG A 126 -15.07 6.73 -1.01
C ARG A 126 -16.32 7.35 -1.63
N LEU A 127 -16.91 6.68 -2.61
CA LEU A 127 -18.15 7.17 -3.20
C LEU A 127 -19.29 7.12 -2.19
N THR A 128 -19.33 6.09 -1.35
CA THR A 128 -20.32 6.06 -0.28
C THR A 128 -20.13 7.23 0.68
N LEU A 129 -18.88 7.51 1.03
CA LEU A 129 -18.60 8.67 1.87
C LEU A 129 -19.01 9.97 1.19
N LYS A 130 -18.82 10.05 -0.13
CA LYS A 130 -19.27 11.22 -0.87
C LYS A 130 -20.79 11.35 -0.80
N SER A 131 -21.50 10.22 -0.87
CA SER A 131 -22.96 10.25 -0.79
C SER A 131 -23.43 10.75 0.57
N ILE A 132 -22.81 10.26 1.64
CA ILE A 132 -23.22 10.72 2.97
C ILE A 132 -22.88 12.20 3.15
N ARG A 133 -21.73 12.62 2.61
CA ARG A 133 -21.38 14.03 2.60
C ARG A 133 -22.45 14.85 1.90
N ASP A 134 -22.91 14.37 0.74
CA ASP A 134 -23.88 15.13 -0.04
C ASP A 134 -25.20 15.28 0.72
N ILE A 135 -25.72 14.17 1.26
CA ILE A 135 -27.01 14.26 1.93
C ILE A 135 -26.91 15.15 3.17
N GLU A 136 -25.84 14.99 3.95
CA GLU A 136 -25.72 15.76 5.19
C GLU A 136 -25.46 17.24 4.89
N GLY A 137 -24.66 17.54 3.87
CA GLY A 137 -24.41 18.93 3.52
C GLY A 137 -25.61 19.59 2.88
N SER A 138 -26.52 18.80 2.29
CA SER A 138 -27.76 19.37 1.80
C SER A 138 -28.81 19.48 2.91
N VAL A 139 -28.67 18.73 3.99
CA VAL A 139 -29.57 18.93 5.12
C VAL A 139 -29.13 20.06 6.04
N GLN A 140 -27.85 20.47 5.95
CA GLN A 140 -27.38 21.63 6.71
C GLN A 140 -28.17 22.92 6.47
N PRO A 141 -28.54 23.30 5.24
CA PRO A 141 -29.24 24.58 5.06
C PRO A 141 -30.58 24.67 5.78
N SER A 142 -31.20 23.55 6.14
CA SER A 142 -32.40 23.61 6.97
C SER A 142 -32.10 24.27 8.32
N ARG A 143 -31.06 23.80 9.00
CA ARG A 143 -30.66 24.43 10.25
C ARG A 143 -30.11 25.82 10.02
N ASP A 144 -29.50 26.07 8.85
CA ASP A 144 -29.06 27.43 8.55
C ASP A 144 -30.25 28.38 8.50
N ARG A 145 -31.32 27.98 7.81
CA ARG A 145 -32.53 28.80 7.76
C ARG A 145 -33.16 28.95 9.13
N LYS A 146 -33.14 27.88 9.94
CA LYS A 146 -33.69 27.96 11.29
C LYS A 146 -32.94 29.00 12.12
N ASP A 147 -31.61 28.98 12.06
CA ASP A 147 -30.82 29.95 12.82
C ASP A 147 -31.06 31.37 12.31
N LYS A 148 -31.09 31.55 10.98
CA LYS A 148 -31.33 32.88 10.44
C LYS A 148 -32.69 33.41 10.87
N ILE A 149 -33.72 32.57 10.82
CA ILE A 149 -35.05 33.04 11.15
C ILE A 149 -35.19 33.29 12.64
N THR A 150 -34.52 32.51 13.50
CA THR A 150 -34.61 32.80 14.93
C THR A 150 -33.87 34.08 15.27
N ASP A 151 -32.74 34.34 14.61
CA ASP A 151 -32.07 35.62 14.82
C ASP A 151 -32.93 36.78 14.35
N LYS A 152 -33.60 36.63 13.21
CA LYS A 152 -34.49 37.67 12.72
C LYS A 152 -35.66 37.90 13.67
N ILE A 153 -36.20 36.81 14.24
CA ILE A 153 -37.31 36.94 15.18
C ILE A 153 -36.86 37.65 16.44
N ALA A 154 -35.68 37.32 16.95
CA ALA A 154 -35.18 38.01 18.14
C ALA A 154 -34.97 39.50 17.86
N TYR A 155 -34.39 39.82 16.70
CA TYR A 155 -34.14 41.21 16.37
C TYR A 155 -35.45 41.99 16.22
N LEU A 156 -36.43 41.38 15.56
CA LEU A 156 -37.72 42.04 15.39
C LEU A 156 -38.43 42.24 16.72
N LYS A 157 -38.38 41.22 17.60
CA LYS A 157 -39.00 41.36 18.91
C LYS A 157 -38.35 42.45 19.73
N TYR A 158 -37.02 42.54 19.69
CA TYR A 158 -36.34 43.64 20.38
C TYR A 158 -36.70 44.99 19.78
N LYS A 159 -36.74 45.08 18.45
CA LYS A 159 -37.00 46.36 17.80
C LYS A 159 -38.45 46.77 17.96
N ASP A 160 -39.38 45.84 17.75
CA ASP A 160 -40.81 46.13 17.83
C ASP A 160 -41.55 44.88 18.25
N PRO A 161 -41.81 44.73 19.55
CA PRO A 161 -42.53 43.53 20.01
C PRO A 161 -43.96 43.43 19.48
N GLN A 162 -44.56 44.53 19.06
CA GLN A 162 -45.93 44.55 18.58
C GLN A 162 -46.02 44.55 17.05
N SER A 163 -44.91 44.30 16.37
CA SER A 163 -44.92 44.30 14.90
C SER A 163 -45.82 43.18 14.38
N PRO A 164 -46.59 43.43 13.33
CA PRO A 164 -47.44 42.35 12.77
C PRO A 164 -46.66 41.17 12.24
N LYS A 165 -45.41 41.38 11.83
CA LYS A 165 -44.59 40.29 11.29
C LYS A 165 -44.20 39.27 12.37
N ILE A 166 -44.41 39.59 13.64
CA ILE A 166 -43.99 38.69 14.71
C ILE A 166 -44.73 37.36 14.61
N GLU A 167 -46.04 37.39 14.40
CA GLU A 167 -46.82 36.15 14.39
C GLU A 167 -46.47 35.27 13.19
N VAL A 168 -46.39 35.87 12.00
CA VAL A 168 -46.07 35.07 10.81
C VAL A 168 -44.64 34.54 10.91
N LEU A 169 -43.71 35.36 11.39
CA LEU A 169 -42.34 34.89 11.59
C LEU A 169 -42.29 33.77 12.62
N GLU A 170 -43.11 33.86 13.67
CA GLU A 170 -43.14 32.80 14.68
C GLU A 170 -43.67 31.50 14.09
N GLN A 171 -44.72 31.58 13.25
CA GLN A 171 -45.20 30.39 12.57
C GLN A 171 -44.10 29.80 11.69
N GLU A 172 -43.38 30.65 10.97
CA GLU A 172 -42.30 30.17 10.11
C GLU A 172 -41.18 29.54 10.93
N LEU A 173 -40.86 30.11 12.09
CA LEU A 173 -39.86 29.50 12.98
C LEU A 173 -40.31 28.14 13.47
N VAL A 174 -41.57 28.03 13.89
CA VAL A 174 -42.11 26.72 14.25
C VAL A 174 -41.95 25.77 13.10
N ARG A 175 -42.14 26.27 11.87
CA ARG A 175 -42.26 25.35 10.75
C ARG A 175 -40.87 24.83 10.41
N ALA A 176 -39.88 25.72 10.43
CA ALA A 176 -38.49 25.33 10.25
C ALA A 176 -38.01 24.43 11.38
N GLU A 177 -38.52 24.63 12.60
CA GLU A 177 -38.12 23.78 13.71
C GLU A 177 -38.69 22.37 13.57
N ALA A 178 -39.93 22.25 13.11
CA ALA A 178 -40.49 20.94 12.77
C ALA A 178 -39.75 20.31 11.59
N GLU A 179 -39.30 21.14 10.67
CA GLU A 179 -38.44 20.76 9.56
C GLU A 179 -37.06 20.31 10.01
N SER A 180 -36.58 20.80 11.15
CA SER A 180 -35.18 20.66 11.53
C SER A 180 -34.90 19.61 12.57
N LEU A 181 -35.69 19.50 13.64
CA LEU A 181 -35.38 18.49 14.66
C LEU A 181 -35.48 17.08 14.08
N VAL A 182 -36.58 16.81 13.37
CA VAL A 182 -36.78 15.50 12.80
C VAL A 182 -35.84 15.26 11.63
N ALA A 183 -35.40 16.33 10.96
CA ALA A 183 -34.34 16.20 9.96
C ALA A 183 -33.03 15.79 10.61
N GLU A 184 -32.74 16.32 11.80
CA GLU A 184 -31.59 15.84 12.55
C GLU A 184 -31.72 14.35 12.86
N ALA A 185 -32.93 13.93 13.25
CA ALA A 185 -33.16 12.50 13.51
C ALA A 185 -32.86 11.66 12.27
N GLN A 186 -33.41 12.06 11.12
CA GLN A 186 -33.19 11.32 9.89
C GLN A 186 -31.72 11.34 9.50
N LEU A 187 -31.06 12.47 9.69
CA LEU A 187 -29.64 12.57 9.37
C LEU A 187 -28.82 11.60 10.21
N SER A 188 -29.13 11.51 11.51
CA SER A 188 -28.43 10.55 12.35
C SER A 188 -28.65 9.12 11.86
N ASN A 189 -29.89 8.79 11.49
CA ASN A 189 -30.19 7.44 10.99
C ASN A 189 -29.37 7.13 9.74
N ILE A 190 -29.42 8.02 8.74
CA ILE A 190 -28.76 7.75 7.48
C ILE A 190 -27.24 7.75 7.65
N THR A 191 -26.73 8.61 8.54
CA THR A 191 -25.29 8.62 8.81
C THR A 191 -24.84 7.30 9.40
N ARG A 192 -25.58 6.80 10.40
CA ARG A 192 -25.24 5.51 11.00
C ARG A 192 -25.23 4.40 9.94
N SER A 193 -26.31 4.33 9.13
CA SER A 193 -26.42 3.26 8.15
C SER A 193 -25.29 3.33 7.13
N LYS A 194 -25.08 4.51 6.54
CA LYS A 194 -24.07 4.65 5.50
C LYS A 194 -22.68 4.39 6.03
N LEU A 195 -22.36 4.91 7.23
CA LEU A 195 -21.03 4.71 7.79
C LEU A 195 -20.79 3.24 8.07
N ARG A 196 -21.77 2.55 8.67
CA ARG A 196 -21.59 1.14 8.97
C ARG A 196 -21.38 0.33 7.69
N ALA A 197 -22.22 0.56 6.68
CA ALA A 197 -22.11 -0.20 5.44
C ALA A 197 -20.78 0.06 4.75
N ALA A 198 -20.39 1.33 4.64
CA ALA A 198 -19.15 1.68 3.93
C ALA A 198 -17.94 1.11 4.65
N PHE A 199 -17.90 1.20 5.98
CA PHE A 199 -16.73 0.70 6.69
C PHE A 199 -16.69 -0.82 6.71
N ASN A 200 -17.86 -1.47 6.75
CA ASN A 200 -17.86 -2.93 6.62
C ASN A 200 -17.32 -3.36 5.26
N TYR A 201 -17.75 -2.68 4.19
CA TYR A 201 -17.22 -2.99 2.86
C TYR A 201 -15.71 -2.76 2.80
N GLN A 202 -15.25 -1.62 3.35
CA GLN A 202 -13.83 -1.32 3.31
C GLN A 202 -13.02 -2.35 4.07
N PHE A 203 -13.49 -2.78 5.24
CA PHE A 203 -12.75 -3.74 6.04
C PHE A 203 -12.78 -5.12 5.41
N ASP A 204 -13.88 -5.50 4.76
CA ASP A 204 -13.92 -6.76 4.01
C ASP A 204 -12.90 -6.74 2.88
N SER A 205 -12.83 -5.64 2.13
CA SER A 205 -11.83 -5.54 1.09
C SER A 205 -10.42 -5.59 1.67
N ILE A 206 -10.21 -4.93 2.81
CA ILE A 206 -8.89 -4.91 3.43
C ILE A 206 -8.45 -6.31 3.84
N ILE A 207 -9.35 -7.07 4.48
CA ILE A 207 -8.97 -8.40 4.94
C ILE A 207 -8.78 -9.34 3.75
N GLU A 208 -9.59 -9.19 2.70
CA GLU A 208 -9.40 -10.01 1.50
C GLU A 208 -8.04 -9.74 0.87
N HIS A 209 -7.70 -8.46 0.72
CA HIS A 209 -6.41 -8.11 0.14
C HIS A 209 -5.25 -8.62 1.00
N SER A 210 -5.37 -8.46 2.32
CA SER A 210 -4.30 -8.92 3.21
C SER A 210 -4.12 -10.43 3.13
N GLU A 211 -5.22 -11.18 3.13
CA GLU A 211 -5.11 -12.63 3.05
C GLU A 211 -4.52 -13.08 1.72
N LYS A 212 -4.93 -12.46 0.62
CA LYS A 212 -4.38 -12.84 -0.68
C LYS A 212 -2.89 -12.52 -0.74
N ILE A 213 -2.49 -11.36 -0.23
CA ILE A 213 -1.06 -11.01 -0.22
C ILE A 213 -0.28 -11.95 0.68
N ALA A 214 -0.87 -12.36 1.80
CA ALA A 214 -0.18 -13.30 2.68
C ALA A 214 0.01 -14.65 2.02
N LEU A 215 -1.01 -15.14 1.31
CA LEU A 215 -0.87 -16.39 0.57
C LEU A 215 0.21 -16.26 -0.51
N ILE A 216 0.22 -15.12 -1.21
CA ILE A 216 1.25 -14.90 -2.23
C ILE A 216 2.64 -14.92 -1.59
N ALA A 217 2.80 -14.27 -0.44
CA ALA A 217 4.09 -14.22 0.22
C ALA A 217 4.53 -15.61 0.69
N GLY A 218 3.60 -16.39 1.24
CA GLY A 218 3.95 -17.74 1.66
C GLY A 218 4.37 -18.62 0.49
N TYR A 219 3.62 -18.56 -0.61
CA TYR A 219 4.00 -19.32 -1.80
C TYR A 219 5.34 -18.84 -2.35
N GLY A 220 5.59 -17.54 -2.31
CA GLY A 220 6.85 -17.02 -2.79
C GLY A 220 8.02 -17.46 -1.95
N LYS A 221 7.85 -17.52 -0.62
CA LYS A 221 8.91 -18.04 0.23
C LYS A 221 9.15 -19.52 0.01
N ALA A 222 8.07 -20.30 -0.14
CA ALA A 222 8.23 -21.72 -0.46
C ALA A 222 8.95 -21.91 -1.79
N LEU A 223 8.71 -21.01 -2.75
CA LEU A 223 9.38 -21.09 -4.04
C LEU A 223 10.83 -20.62 -3.95
N LEU A 224 11.11 -19.63 -3.09
CA LEU A 224 12.49 -19.23 -2.81
C LEU A 224 13.28 -20.38 -2.21
N GLU A 225 12.61 -21.23 -1.43
CA GLU A 225 13.26 -22.43 -0.92
C GLU A 225 13.81 -23.29 -2.06
N LEU A 226 13.14 -23.28 -3.21
CA LEU A 226 13.60 -24.06 -4.36
C LEU A 226 14.96 -23.56 -4.86
N LEU A 227 15.22 -22.26 -4.73
CA LEU A 227 16.47 -21.70 -5.20
C LEU A 227 17.65 -22.38 -4.51
N ASP A 228 18.67 -22.72 -5.29
CA ASP A 228 19.89 -23.35 -4.77
C ASP A 228 20.83 -22.24 -4.32
N ASP A 229 20.89 -22.02 -3.00
CA ASP A 229 21.75 -20.99 -2.43
C ASP A 229 23.13 -21.50 -2.08
N SER A 230 23.43 -22.76 -2.36
CA SER A 230 24.76 -23.29 -2.07
C SER A 230 25.79 -22.68 -3.01
N PRO A 231 26.81 -22.01 -2.49
CA PRO A 231 27.83 -21.44 -3.37
C PRO A 231 28.65 -22.52 -4.06
N VAL A 232 29.13 -22.20 -5.25
CA VAL A 232 30.00 -23.09 -6.00
C VAL A 232 31.44 -22.63 -5.82
N THR A 233 32.34 -23.59 -5.60
CA THR A 233 33.72 -23.26 -5.35
C THR A 233 34.35 -22.62 -6.58
N PRO A 234 35.34 -21.75 -6.40
CA PRO A 234 35.94 -21.06 -7.55
C PRO A 234 36.54 -22.05 -8.56
N GLY A 235 36.34 -21.75 -9.83
CA GLY A 235 36.88 -22.56 -10.91
C GLY A 235 36.05 -23.76 -11.30
N GLU A 236 34.92 -24.01 -10.63
CA GLU A 236 34.12 -25.18 -10.92
C GLU A 236 33.04 -24.87 -11.96
N THR A 237 32.39 -25.93 -12.43
CA THR A 237 31.33 -25.82 -13.42
C THR A 237 29.99 -25.48 -12.74
N ARG A 238 28.99 -25.19 -13.57
CA ARG A 238 27.66 -24.86 -13.07
C ARG A 238 26.81 -26.12 -13.03
N PRO A 239 26.27 -26.50 -11.86
CA PRO A 239 25.37 -27.65 -11.82
C PRO A 239 24.11 -27.40 -12.63
N ALA A 240 23.57 -28.47 -13.22
CA ALA A 240 22.38 -28.35 -14.06
C ALA A 240 21.17 -27.93 -13.23
N TYR A 241 20.31 -27.13 -13.85
CA TYR A 241 19.10 -26.64 -13.21
C TYR A 241 17.91 -27.49 -13.67
N ASP A 242 17.11 -27.94 -12.70
CA ASP A 242 15.96 -28.80 -13.00
C ASP A 242 14.71 -28.37 -12.23
N GLY A 243 14.64 -27.10 -11.83
CA GLY A 243 13.53 -26.60 -11.06
C GLY A 243 12.37 -26.04 -11.87
N TYR A 244 12.33 -26.30 -13.18
CA TYR A 244 11.22 -25.82 -13.99
C TYR A 244 9.90 -26.43 -13.55
N GLU A 245 9.90 -27.74 -13.28
CA GLU A 245 8.65 -28.42 -12.96
C GLU A 245 8.17 -28.07 -11.56
N ALA A 246 9.10 -27.94 -10.60
CA ALA A 246 8.71 -27.64 -9.24
C ALA A 246 8.09 -26.24 -9.14
N SER A 247 8.74 -25.25 -9.74
CA SER A 247 8.15 -23.90 -9.77
C SER A 247 6.89 -23.88 -10.63
N LYS A 248 6.85 -24.74 -11.65
CA LYS A 248 5.66 -24.88 -12.48
C LYS A 248 4.45 -25.23 -11.61
N GLN A 249 4.60 -26.28 -10.81
CA GLN A 249 3.53 -26.71 -9.91
C GLN A 249 3.27 -25.68 -8.82
N ILE A 250 4.32 -25.02 -8.34
CA ILE A 250 4.13 -24.03 -7.28
C ILE A 250 3.27 -22.86 -7.76
N ILE A 251 3.56 -22.34 -8.95
CA ILE A 251 2.77 -21.22 -9.47
C ILE A 251 1.36 -21.70 -9.82
N ILE A 252 1.23 -22.94 -10.31
CA ILE A 252 -0.10 -23.49 -10.55
C ILE A 252 -0.91 -23.53 -9.27
N ASP A 253 -0.30 -24.00 -8.18
CA ASP A 253 -0.99 -24.08 -6.90
C ASP A 253 -1.31 -22.70 -6.35
N ALA A 254 -0.42 -21.73 -6.57
CA ALA A 254 -0.70 -20.37 -6.12
C ALA A 254 -1.92 -19.79 -6.83
N GLU A 255 -2.00 -19.99 -8.15
CA GLU A 255 -3.18 -19.52 -8.89
C GLU A 255 -4.43 -20.24 -8.41
N SER A 256 -4.35 -21.55 -8.19
CA SER A 256 -5.51 -22.30 -7.74
C SER A 256 -5.99 -21.81 -6.38
N ALA A 257 -5.05 -21.56 -5.46
CA ALA A 257 -5.42 -21.05 -4.14
C ALA A 257 -6.03 -19.67 -4.23
N LEU A 258 -5.50 -18.81 -5.10
CA LEU A 258 -6.08 -17.48 -5.27
C LEU A 258 -7.49 -17.55 -5.80
N ASN A 259 -7.75 -18.47 -6.75
CA ASN A 259 -9.12 -18.68 -7.20
C ASN A 259 -10.01 -19.20 -6.08
N GLU A 260 -9.48 -20.10 -5.25
CA GLU A 260 -10.28 -20.77 -4.22
C GLU A 260 -10.61 -19.86 -3.04
N TRP A 261 -9.91 -18.74 -2.87
CA TRP A 261 -10.12 -17.91 -1.69
C TRP A 261 -11.51 -17.29 -1.68
N THR A 262 -12.20 -17.40 -0.54
CA THR A 262 -13.50 -16.79 -0.33
C THR A 262 -13.44 -15.95 0.95
N LEU A 263 -14.48 -15.14 1.14
CA LEU A 263 -14.57 -14.34 2.36
C LEU A 263 -14.64 -15.22 3.60
N ASP A 264 -15.44 -16.29 3.54
CA ASP A 264 -15.50 -17.24 4.64
C ASP A 264 -14.23 -18.07 4.74
N SER A 265 -13.48 -18.22 3.65
CA SER A 265 -12.24 -18.99 3.67
C SER A 265 -11.13 -18.29 4.43
N ALA A 266 -11.31 -17.03 4.82
CA ALA A 266 -10.30 -16.33 5.61
C ALA A 266 -10.04 -17.06 6.91
N GLN A 267 -8.76 -17.28 7.22
CA GLN A 267 -8.36 -18.04 8.40
C GLN A 267 -7.93 -17.13 9.55
N VAL A 268 -8.13 -15.83 9.42
CA VAL A 268 -7.81 -14.90 10.50
C VAL A 268 -8.92 -14.95 11.55
N LYS A 269 -8.54 -15.21 12.79
CA LYS A 269 -9.50 -15.34 13.89
C LYS A 269 -9.19 -14.33 14.98
N PRO A 270 -9.84 -13.16 14.96
CA PRO A 270 -9.65 -12.21 16.06
C PRO A 270 -10.18 -12.76 17.38
N THR A 271 -9.53 -12.36 18.46
CA THR A 271 -9.92 -12.82 19.78
C THR A 271 -10.39 -11.67 20.66
N MET B 1 -0.34 -14.02 -12.45
CA MET B 1 -1.40 -13.48 -13.30
C MET B 1 -2.54 -14.49 -13.48
N HIS B 2 -3.76 -13.96 -13.59
CA HIS B 2 -4.98 -14.74 -13.57
C HIS B 2 -5.59 -14.95 -14.95
N ARG B 3 -4.92 -14.47 -16.00
CA ARG B 3 -5.50 -14.50 -17.34
C ARG B 3 -5.56 -15.94 -17.86
N THR B 4 -6.72 -16.33 -18.36
CA THR B 4 -6.90 -17.60 -19.04
C THR B 4 -6.55 -17.46 -20.51
N TYR B 5 -6.41 -18.58 -21.20
CA TYR B 5 -5.99 -18.51 -22.60
C TYR B 5 -7.11 -17.93 -23.46
N SER B 6 -7.07 -16.61 -23.59
CA SER B 6 -7.96 -15.80 -24.40
C SER B 6 -7.28 -14.47 -24.65
N LEU B 7 -7.66 -13.80 -25.73
CA LEU B 7 -7.11 -12.48 -26.03
C LEU B 7 -7.67 -11.41 -25.10
N ARG B 8 -8.63 -11.76 -24.24
CA ARG B 8 -9.27 -10.79 -23.36
C ARG B 8 -8.30 -10.26 -22.32
N ASN B 9 -8.36 -8.95 -22.09
CA ASN B 9 -7.68 -8.33 -20.96
C ASN B 9 -8.64 -8.35 -19.76
N SER B 10 -9.18 -9.54 -19.52
CA SER B 10 -10.09 -9.79 -18.42
C SER B 10 -9.90 -11.22 -17.95
N ARG B 11 -9.98 -11.42 -16.64
CA ARG B 11 -9.67 -12.69 -16.02
C ARG B 11 -10.96 -13.33 -15.50
N ALA B 12 -10.96 -14.66 -15.48
CA ALA B 12 -12.12 -15.39 -14.99
C ALA B 12 -12.39 -15.02 -13.54
N PRO B 13 -13.64 -14.71 -13.19
CA PRO B 13 -13.93 -14.30 -11.80
C PRO B 13 -13.58 -15.38 -10.80
N THR B 14 -13.03 -14.96 -9.67
CA THR B 14 -12.68 -15.88 -8.59
C THR B 14 -13.89 -16.08 -7.69
N ALA B 15 -13.70 -16.79 -6.57
CA ALA B 15 -14.81 -17.00 -5.64
C ALA B 15 -15.30 -15.69 -5.07
N SER B 16 -14.38 -14.80 -4.69
CA SER B 16 -14.79 -13.47 -4.22
C SER B 16 -15.49 -12.68 -5.32
N GLN B 17 -14.95 -12.74 -6.54
CA GLN B 17 -15.60 -12.08 -7.68
C GLN B 17 -16.92 -12.75 -8.06
N LEU B 18 -17.07 -14.04 -7.76
CA LEU B 18 -18.36 -14.70 -7.98
C LEU B 18 -19.38 -14.32 -6.91
N GLN B 19 -18.92 -14.03 -5.69
CA GLN B 19 -19.84 -13.68 -4.61
C GLN B 19 -20.62 -12.40 -4.93
N ASN B 20 -19.92 -11.39 -5.42
CA ASN B 20 -20.55 -10.13 -5.81
C ASN B 20 -19.89 -9.57 -7.05
N PRO B 21 -20.61 -8.79 -7.85
CA PRO B 21 -20.01 -8.18 -9.04
C PRO B 21 -18.90 -7.22 -8.64
N PRO B 22 -17.83 -7.15 -9.43
CA PRO B 22 -16.74 -6.23 -9.09
C PRO B 22 -17.20 -4.79 -9.23
N PRO B 23 -16.66 -3.88 -8.42
CA PRO B 23 -17.03 -2.47 -8.53
C PRO B 23 -16.54 -1.88 -9.83
N PRO B 24 -17.17 -0.82 -10.32
CA PRO B 24 -16.73 -0.18 -11.55
C PRO B 24 -15.35 0.44 -11.39
N PRO B 25 -14.63 0.67 -12.48
CA PRO B 25 -13.27 1.22 -12.37
C PRO B 25 -13.29 2.60 -11.71
N SER B 26 -12.18 2.91 -11.05
CA SER B 26 -12.09 4.14 -10.26
C SER B 26 -12.31 5.36 -11.12
N THR B 27 -13.03 6.34 -10.57
CA THR B 27 -13.32 7.58 -11.27
C THR B 27 -12.17 8.58 -11.24
N THR B 28 -11.12 8.30 -10.45
CA THR B 28 -9.98 9.20 -10.34
C THR B 28 -8.89 8.92 -11.38
N LYS B 29 -9.12 7.97 -12.29
CA LYS B 29 -8.14 7.66 -13.32
C LYS B 29 -8.14 8.73 -14.40
N GLY B 30 -7.36 9.80 -14.19
CA GLY B 30 -7.30 10.90 -15.13
C GLY B 30 -6.37 10.60 -16.29
N ARG B 31 -6.22 11.61 -17.14
CA ARG B 31 -5.38 11.52 -18.33
C ARG B 31 -4.09 12.28 -18.09
N PHE B 32 -2.96 11.59 -18.17
CA PHE B 32 -1.64 12.16 -17.95
C PHE B 32 -0.62 11.15 -18.46
N PHE B 33 0.66 11.38 -18.14
CA PHE B 33 1.71 10.43 -18.48
C PHE B 33 1.57 9.11 -17.72
N GLY B 34 0.58 8.98 -16.85
CA GLY B 34 0.39 7.77 -16.06
C GLY B 34 1.23 7.70 -14.80
N LYS B 35 2.03 8.73 -14.51
CA LYS B 35 2.88 8.71 -13.32
C LYS B 35 2.88 10.00 -12.53
N GLY B 36 2.41 11.12 -13.06
CA GLY B 36 2.27 12.33 -12.27
C GLY B 36 3.20 13.47 -12.63
N GLY B 37 4.46 13.17 -12.92
CA GLY B 37 5.43 14.23 -13.19
C GLY B 37 6.55 13.80 -14.13
N LEU B 38 7.68 14.50 -14.09
CA LEU B 38 8.77 14.25 -15.02
C LEU B 38 10.16 14.21 -14.39
N ALA B 39 10.35 14.72 -13.17
CA ALA B 39 11.69 14.74 -12.58
C ALA B 39 12.18 13.33 -12.28
N TYR B 40 11.32 12.51 -11.67
CA TYR B 40 11.68 11.12 -11.41
C TYR B 40 11.88 10.35 -12.71
N SER B 41 11.11 10.67 -13.75
CA SER B 41 11.31 10.04 -15.05
C SER B 41 12.68 10.42 -15.63
N PHE B 42 13.08 11.68 -15.46
CA PHE B 42 14.41 12.09 -15.88
C PHE B 42 15.50 11.35 -15.11
N ARG B 43 15.29 11.19 -13.80
CA ARG B 43 16.24 10.41 -12.99
C ARG B 43 16.34 8.98 -13.48
N ARG B 44 15.20 8.35 -13.77
CA ARG B 44 15.19 6.97 -14.25
C ARG B 44 15.90 6.87 -15.60
N SER B 45 15.64 7.82 -16.51
CA SER B 45 16.30 7.80 -17.80
C SER B 45 17.80 8.01 -17.67
N ALA B 46 18.22 8.89 -16.75
CA ALA B 46 19.65 9.08 -16.51
C ALA B 46 20.28 7.79 -15.97
N ALA B 47 19.56 7.08 -15.11
CA ALA B 47 20.02 5.77 -14.69
C ALA B 47 20.11 4.80 -15.85
N GLY B 48 19.25 4.97 -16.86
CA GLY B 48 19.26 4.15 -18.05
C GLY B 48 20.12 4.64 -19.19
N ALA B 49 20.92 5.68 -18.98
CA ALA B 49 21.81 6.19 -20.02
C ALA B 49 23.27 6.20 -19.59
N PHE B 50 23.57 6.73 -18.41
CA PHE B 50 24.95 7.03 -18.04
C PHE B 50 25.68 5.86 -17.39
N GLY B 51 24.97 4.98 -16.69
CA GLY B 51 25.61 3.91 -15.95
C GLY B 51 26.22 2.87 -16.86
N PRO B 52 27.07 2.01 -16.28
CA PRO B 52 27.63 0.90 -17.07
C PRO B 52 26.53 0.01 -17.62
N GLU B 53 26.77 -0.54 -18.80
CA GLU B 53 25.71 -1.22 -19.55
C GLU B 53 25.11 -2.37 -18.75
N LEU B 54 25.95 -3.27 -18.24
CA LEU B 54 25.44 -4.47 -17.61
C LEU B 54 24.88 -4.19 -16.21
N SER B 55 25.26 -3.06 -15.60
CA SER B 55 24.71 -2.63 -14.33
C SER B 55 23.61 -1.59 -14.47
N ARG B 56 23.34 -1.15 -15.70
CA ARG B 56 22.36 -0.09 -15.93
C ARG B 56 20.96 -0.53 -15.52
N LYS B 57 20.58 -1.76 -15.86
CA LYS B 57 19.25 -2.26 -15.52
C LYS B 57 19.05 -2.35 -14.02
N LEU B 58 20.05 -2.85 -13.29
CA LEU B 58 19.91 -2.96 -11.84
C LEU B 58 19.92 -1.60 -11.17
N SER B 59 20.71 -0.65 -11.69
CA SER B 59 20.65 0.72 -11.16
C SER B 59 19.27 1.33 -11.39
N GLN B 60 18.68 1.08 -12.56
CA GLN B 60 17.32 1.54 -12.83
C GLN B 60 16.33 0.90 -11.85
N LEU B 61 16.52 -0.39 -11.57
CA LEU B 61 15.64 -1.06 -10.61
C LEU B 61 15.75 -0.41 -9.24
N VAL B 62 16.97 -0.07 -8.82
CA VAL B 62 17.16 0.58 -7.53
C VAL B 62 16.48 1.94 -7.50
N LYS B 63 16.63 2.71 -8.58
CA LYS B 63 15.98 4.03 -8.64
C LYS B 63 14.46 3.90 -8.60
N ILE B 64 13.90 2.95 -9.35
CA ILE B 64 12.45 2.78 -9.36
C ILE B 64 11.96 2.30 -8.01
N GLU B 65 12.75 1.46 -7.33
CA GLU B 65 12.38 1.00 -6.00
C GLU B 65 12.40 2.15 -5.00
N LYS B 66 13.37 3.07 -5.14
CA LYS B 66 13.37 4.28 -4.33
C LYS B 66 12.13 5.11 -4.59
N ASN B 67 11.72 5.23 -5.85
CA ASN B 67 10.48 5.94 -6.17
C ASN B 67 9.29 5.27 -5.50
N VAL B 68 9.25 3.93 -5.53
CA VAL B 68 8.15 3.19 -4.90
C VAL B 68 8.12 3.47 -3.39
N LEU B 69 9.30 3.45 -2.76
CA LEU B 69 9.37 3.72 -1.32
C LEU B 69 8.91 5.15 -1.01
N ARG B 70 9.32 6.12 -1.82
CA ARG B 70 8.87 7.49 -1.63
C ARG B 70 7.36 7.59 -1.71
N SER B 71 6.78 6.95 -2.73
CA SER B 71 5.33 6.99 -2.88
C SER B 71 4.63 6.29 -1.73
N MET B 72 5.19 5.18 -1.25
CA MET B 72 4.58 4.45 -0.14
C MET B 72 4.61 5.27 1.15
N GLU B 73 5.72 5.93 1.44
CA GLU B 73 5.77 6.75 2.65
C GLU B 73 4.84 7.95 2.53
N LEU B 74 4.76 8.54 1.33
CA LEU B 74 3.85 9.66 1.14
C LEU B 74 2.41 9.24 1.34
N THR B 75 2.02 8.09 0.79
CA THR B 75 0.64 7.63 0.94
C THR B 75 0.35 7.17 2.36
N ALA B 76 1.36 6.66 3.08
CA ALA B 76 1.16 6.33 4.49
C ALA B 76 0.90 7.58 5.30
N ASN B 77 1.68 8.65 5.06
CA ASN B 77 1.43 9.91 5.75
C ASN B 77 0.05 10.46 5.41
N GLU B 78 -0.35 10.36 4.14
CA GLU B 78 -1.66 10.86 3.75
C GLU B 78 -2.78 10.04 4.38
N ARG B 79 -2.60 8.73 4.50
CA ARG B 79 -3.58 7.89 5.18
C ARG B 79 -3.68 8.25 6.66
N ARG B 80 -2.54 8.52 7.29
CA ARG B 80 -2.54 8.99 8.67
C ARG B 80 -3.34 10.27 8.82
N ASP B 81 -3.09 11.24 7.94
CA ASP B 81 -3.84 12.50 7.97
C ASP B 81 -5.32 12.26 7.73
N ALA B 82 -5.66 11.35 6.80
CA ALA B 82 -7.04 11.04 6.51
C ALA B 82 -7.74 10.46 7.72
N ALA B 83 -7.09 9.53 8.42
CA ALA B 83 -7.68 8.95 9.62
C ALA B 83 -7.90 10.02 10.69
N LYS B 84 -6.89 10.88 10.89
CA LYS B 84 -7.02 11.93 11.90
C LYS B 84 -8.18 12.85 11.59
N GLN B 85 -8.29 13.30 10.35
CA GLN B 85 -9.31 14.29 10.01
C GLN B 85 -10.70 13.64 9.88
N LEU B 86 -10.75 12.35 9.53
CA LEU B 86 -12.00 11.61 9.60
C LEU B 86 -12.53 11.55 11.03
N SER B 87 -11.66 11.21 11.99
CA SER B 87 -12.09 11.21 13.38
C SER B 87 -12.44 12.63 13.84
N ILE B 88 -11.74 13.63 13.29
CA ILE B 88 -12.07 15.02 13.56
C ILE B 88 -13.50 15.33 13.13
N TRP B 89 -13.88 14.90 11.93
CA TRP B 89 -15.25 15.08 11.48
C TRP B 89 -16.23 14.31 12.38
N GLY B 90 -15.86 13.11 12.78
CA GLY B 90 -16.72 12.30 13.63
C GLY B 90 -16.83 12.79 15.06
N LEU B 91 -16.02 13.76 15.45
CA LEU B 91 -16.12 14.31 16.81
C LEU B 91 -17.50 14.90 17.06
N GLU B 92 -17.98 15.76 16.16
CA GLU B 92 -19.29 16.41 16.34
C GLU B 92 -20.36 15.55 15.67
N ASN B 93 -20.75 14.50 16.37
CA ASN B 93 -21.78 13.58 15.92
C ASN B 93 -22.39 12.91 17.16
N ASP B 94 -23.13 11.83 16.93
CA ASP B 94 -23.65 11.05 18.03
C ASP B 94 -22.50 10.47 18.85
N ASP B 95 -22.73 10.31 20.15
CA ASP B 95 -21.68 9.82 21.04
C ASP B 95 -21.23 8.42 20.62
N ASP B 96 -22.17 7.55 20.25
CA ASP B 96 -21.82 6.26 19.68
C ASP B 96 -21.02 6.43 18.39
N VAL B 97 -21.48 7.34 17.52
CA VAL B 97 -20.77 7.59 16.27
C VAL B 97 -19.38 8.16 16.56
N SER B 98 -19.29 9.10 17.52
CA SER B 98 -18.01 9.68 17.85
C SER B 98 -17.04 8.62 18.34
N ASP B 99 -17.48 7.74 19.24
CA ASP B 99 -16.60 6.70 19.77
C ASP B 99 -16.18 5.72 18.66
N ILE B 100 -17.13 5.30 17.83
CA ILE B 100 -16.81 4.32 16.80
C ILE B 100 -15.82 4.91 15.79
N THR B 101 -16.03 6.16 15.37
CA THR B 101 -15.11 6.76 14.41
C THR B 101 -13.76 7.06 15.03
N ASP B 102 -13.72 7.37 16.33
CA ASP B 102 -12.46 7.58 17.01
C ASP B 102 -11.64 6.29 17.04
N LYS B 103 -12.29 5.18 17.41
CA LYS B 103 -11.59 3.90 17.45
C LYS B 103 -11.14 3.47 16.05
N LEU B 104 -11.97 3.73 15.04
CA LEU B 104 -11.56 3.45 13.66
C LEU B 104 -10.35 4.29 13.28
N GLY B 105 -10.30 5.55 13.73
CA GLY B 105 -9.13 6.37 13.50
C GLY B 105 -7.88 5.79 14.13
N VAL B 106 -8.00 5.29 15.35
CA VAL B 106 -6.86 4.63 16.00
C VAL B 106 -6.42 3.41 15.20
N LEU B 107 -7.39 2.63 14.71
CA LEU B 107 -7.03 1.44 13.93
C LEU B 107 -6.30 1.80 12.65
N ILE B 108 -6.76 2.85 11.95
CA ILE B 108 -6.06 3.29 10.75
C ILE B 108 -4.69 3.86 11.11
N TYR B 109 -4.57 4.49 12.28
CA TYR B 109 -3.26 4.93 12.76
C TYR B 109 -2.31 3.74 12.92
N GLU B 110 -2.81 2.64 13.49
CA GLU B 110 -2.00 1.43 13.60
C GLU B 110 -1.62 0.90 12.23
N VAL B 111 -2.56 0.94 11.28
CA VAL B 111 -2.27 0.50 9.93
C VAL B 111 -1.15 1.34 9.33
N SER B 112 -1.20 2.66 9.55
CA SER B 112 -0.17 3.55 9.02
C SER B 112 1.20 3.27 9.65
N GLU B 113 1.24 3.04 10.96
CA GLU B 113 2.54 2.77 11.59
C GLU B 113 3.10 1.42 11.16
N LEU B 114 2.23 0.43 10.96
CA LEU B 114 2.68 -0.85 10.42
C LEU B 114 3.19 -0.68 9.00
N ASP B 115 2.54 0.18 8.22
CA ASP B 115 3.03 0.49 6.88
C ASP B 115 4.41 1.12 6.95
N ASP B 116 4.64 2.00 7.92
CA ASP B 116 5.96 2.61 8.07
C ASP B 116 7.02 1.56 8.41
N GLN B 117 6.69 0.63 9.30
CA GLN B 117 7.65 -0.44 9.63
C GLN B 117 7.95 -1.30 8.42
N PHE B 118 6.91 -1.68 7.67
CA PHE B 118 7.12 -2.42 6.43
C PHE B 118 7.95 -1.63 5.44
N ILE B 119 7.78 -0.30 5.43
CA ILE B 119 8.58 0.55 4.54
C ILE B 119 10.04 0.53 4.94
N ASP B 120 10.33 0.53 6.24
CA ASP B 120 11.71 0.41 6.70
C ASP B 120 12.31 -0.93 6.26
N ARG B 121 11.56 -2.02 6.41
CA ARG B 121 12.05 -3.32 5.95
C ARG B 121 12.27 -3.32 4.44
N TYR B 122 11.34 -2.69 3.71
CA TYR B 122 11.44 -2.62 2.26
C TYR B 122 12.67 -1.84 1.82
N ASP B 123 13.00 -0.77 2.56
CA ASP B 123 14.22 -0.02 2.28
C ASP B 123 15.46 -0.82 2.61
N GLN B 124 15.41 -1.66 3.66
CA GLN B 124 16.54 -2.56 3.91
C GLN B 124 16.75 -3.51 2.73
N TYR B 125 15.66 -4.06 2.21
CA TYR B 125 15.75 -4.93 1.04
C TYR B 125 16.30 -4.16 -0.17
N ARG B 126 15.85 -2.91 -0.34
CA ARG B 126 16.36 -2.09 -1.43
C ARG B 126 17.85 -1.83 -1.27
N LEU B 127 18.32 -1.65 -0.03
CA LEU B 127 19.74 -1.47 0.21
C LEU B 127 20.52 -2.73 -0.14
N THR B 128 19.96 -3.90 0.16
CA THR B 128 20.59 -5.15 -0.26
C THR B 128 20.69 -5.24 -1.79
N LEU B 129 19.61 -4.83 -2.48
CA LEU B 129 19.66 -4.79 -3.95
C LEU B 129 20.70 -3.80 -4.44
N LYS B 130 20.85 -2.67 -3.74
CA LYS B 130 21.90 -1.72 -4.09
C LYS B 130 23.28 -2.33 -3.92
N SER B 131 23.46 -3.12 -2.86
CA SER B 131 24.75 -3.78 -2.63
C SER B 131 25.07 -4.76 -3.76
N ILE B 132 24.10 -5.57 -4.15
CA ILE B 132 24.36 -6.52 -5.23
C ILE B 132 24.61 -5.79 -6.54
N ARG B 133 23.88 -4.69 -6.78
CA ARG B 133 24.16 -3.84 -7.93
C ARG B 133 25.60 -3.34 -7.89
N ASP B 134 26.06 -2.89 -6.73
CA ASP B 134 27.40 -2.32 -6.64
C ASP B 134 28.46 -3.37 -6.94
N ILE B 135 28.36 -4.55 -6.32
CA ILE B 135 29.40 -5.56 -6.52
C ILE B 135 29.39 -6.02 -7.98
N GLU B 136 28.21 -6.25 -8.56
CA GLU B 136 28.16 -6.76 -9.92
C GLU B 136 28.60 -5.70 -10.93
N GLY B 137 28.23 -4.44 -10.71
CA GLY B 137 28.65 -3.38 -11.60
C GLY B 137 30.13 -3.06 -11.48
N SER B 138 30.73 -3.37 -10.33
CA SER B 138 32.18 -3.24 -10.21
C SER B 138 32.92 -4.45 -10.75
N VAL B 139 32.25 -5.60 -10.87
CA VAL B 139 32.89 -6.74 -11.52
C VAL B 139 32.76 -6.69 -13.04
N GLN B 140 31.82 -5.90 -13.56
CA GLN B 140 31.71 -5.71 -15.01
C GLN B 140 32.99 -5.21 -15.70
N PRO B 141 33.73 -4.24 -15.15
CA PRO B 141 34.92 -3.76 -15.89
C PRO B 141 35.98 -4.82 -16.12
N SER B 142 35.99 -5.90 -15.34
CA SER B 142 36.91 -7.00 -15.66
C SER B 142 36.62 -7.58 -17.04
N ARG B 143 35.35 -7.91 -17.30
CA ARG B 143 35.00 -8.39 -18.64
C ARG B 143 35.13 -7.29 -19.68
N ASP B 144 34.95 -6.03 -19.28
CA ASP B 144 35.18 -4.93 -20.22
C ASP B 144 36.63 -4.92 -20.69
N ARG B 145 37.56 -5.04 -19.74
CA ARG B 145 38.98 -5.09 -20.08
C ARG B 145 39.30 -6.33 -20.90
N LYS B 146 38.68 -7.46 -20.57
CA LYS B 146 38.90 -8.68 -21.36
C LYS B 146 38.49 -8.49 -22.81
N ASP B 147 37.30 -7.91 -23.03
CA ASP B 147 36.84 -7.68 -24.40
C ASP B 147 37.73 -6.69 -25.13
N LYS B 148 38.13 -5.60 -24.45
CA LYS B 148 39.01 -4.62 -25.09
C LYS B 148 40.33 -5.26 -25.48
N ILE B 149 40.91 -6.06 -24.59
CA ILE B 149 42.23 -6.63 -24.87
C ILE B 149 42.13 -7.71 -25.95
N THR B 150 41.03 -8.46 -26.02
CA THR B 150 40.92 -9.45 -27.08
C THR B 150 40.70 -8.78 -28.43
N ASP B 151 39.96 -7.67 -28.46
CA ASP B 151 39.83 -6.92 -29.70
C ASP B 151 41.18 -6.35 -30.13
N LYS B 152 41.95 -5.83 -29.18
CA LYS B 152 43.28 -5.30 -29.50
C LYS B 152 44.19 -6.41 -30.01
N ILE B 153 44.11 -7.60 -29.42
CA ILE B 153 44.95 -8.71 -29.86
C ILE B 153 44.57 -9.14 -31.27
N ALA B 154 43.27 -9.20 -31.57
CA ALA B 154 42.85 -9.57 -32.92
C ALA B 154 43.33 -8.53 -33.93
N TYR B 155 43.20 -7.24 -33.59
CA TYR B 155 43.62 -6.20 -34.51
C TYR B 155 45.13 -6.24 -34.74
N LEU B 156 45.90 -6.45 -33.67
CA LEU B 156 47.35 -6.51 -33.81
C LEU B 156 47.77 -7.74 -34.63
N LYS B 157 47.12 -8.89 -34.40
CA LYS B 157 47.45 -10.08 -35.16
C LYS B 157 47.15 -9.89 -36.64
N TYR B 158 46.01 -9.26 -36.96
CA TYR B 158 45.70 -8.97 -38.36
C TYR B 158 46.70 -7.99 -38.95
N LYS B 159 47.06 -6.95 -38.20
CA LYS B 159 47.95 -5.93 -38.73
C LYS B 159 49.38 -6.44 -38.85
N ASP B 160 49.86 -7.13 -37.82
CA ASP B 160 51.24 -7.63 -37.80
C ASP B 160 51.29 -8.89 -36.94
N PRO B 161 51.18 -10.06 -37.55
CA PRO B 161 51.24 -11.31 -36.77
C PRO B 161 52.57 -11.54 -36.08
N GLN B 162 53.64 -10.92 -36.55
CA GLN B 162 54.97 -11.11 -35.98
C GLN B 162 55.38 -9.98 -35.04
N SER B 163 54.44 -9.12 -34.65
CA SER B 163 54.76 -8.01 -33.77
C SER B 163 55.21 -8.53 -32.41
N PRO B 164 56.23 -7.93 -31.79
CA PRO B 164 56.66 -8.39 -30.46
C PRO B 164 55.60 -8.24 -29.39
N LYS B 165 54.66 -7.30 -29.55
CA LYS B 165 53.61 -7.11 -28.56
C LYS B 165 52.61 -8.26 -28.52
N ILE B 166 52.66 -9.17 -29.50
CA ILE B 166 51.69 -10.27 -29.54
C ILE B 166 51.82 -11.15 -28.31
N GLU B 167 53.05 -11.50 -27.93
CA GLU B 167 53.23 -12.44 -26.81
C GLU B 167 52.82 -11.81 -25.49
N VAL B 168 53.24 -10.57 -25.23
CA VAL B 168 52.89 -9.93 -23.97
C VAL B 168 51.39 -9.67 -23.91
N LEU B 169 50.78 -9.24 -25.03
CA LEU B 169 49.35 -9.06 -25.06
C LEU B 169 48.61 -10.39 -24.85
N GLU B 170 49.15 -11.48 -25.39
CA GLU B 170 48.53 -12.79 -25.17
C GLU B 170 48.60 -13.20 -23.71
N GLN B 171 49.73 -12.96 -23.06
CA GLN B 171 49.82 -13.22 -21.62
C GLN B 171 48.80 -12.40 -20.86
N GLU B 172 48.66 -11.12 -21.22
CA GLU B 172 47.69 -10.26 -20.56
C GLU B 172 46.26 -10.73 -20.79
N LEU B 173 45.96 -11.20 -22.01
CA LEU B 173 44.64 -11.76 -22.30
C LEU B 173 44.38 -13.01 -21.45
N VAL B 174 45.37 -13.90 -21.36
CA VAL B 174 45.23 -15.05 -20.48
C VAL B 174 44.94 -14.57 -19.07
N ARG B 175 45.59 -13.47 -18.67
CA ARG B 175 45.55 -13.11 -17.26
C ARG B 175 44.17 -12.54 -16.94
N ALA B 176 43.66 -11.71 -17.84
CA ALA B 176 42.30 -11.18 -17.71
C ALA B 176 41.26 -12.29 -17.80
N GLU B 177 41.54 -13.34 -18.60
CA GLU B 177 40.60 -14.45 -18.72
C GLU B 177 40.54 -15.26 -17.42
N ALA B 178 41.70 -15.49 -16.80
CA ALA B 178 41.74 -16.11 -15.47
C ALA B 178 41.09 -15.21 -14.43
N GLU B 179 41.22 -13.91 -14.60
CA GLU B 179 40.54 -12.90 -13.81
C GLU B 179 39.03 -12.89 -14.02
N SER B 180 38.56 -13.32 -15.18
CA SER B 180 37.19 -13.10 -15.60
C SER B 180 36.27 -14.30 -15.48
N LEU B 181 36.70 -15.49 -15.89
CA LEU B 181 35.80 -16.65 -15.79
C LEU B 181 35.44 -16.95 -14.34
N VAL B 182 36.45 -16.99 -13.48
CA VAL B 182 36.22 -17.29 -12.08
C VAL B 182 35.54 -16.12 -11.39
N ALA B 183 35.74 -14.90 -11.89
CA ALA B 183 34.96 -13.76 -11.40
C ALA B 183 33.48 -13.91 -11.74
N GLU B 184 33.18 -14.44 -12.93
CA GLU B 184 31.81 -14.77 -13.26
C GLU B 184 31.25 -15.81 -12.29
N ALA B 185 32.06 -16.80 -11.94
CA ALA B 185 31.63 -17.81 -10.97
C ALA B 185 31.29 -17.16 -9.63
N GLN B 186 32.20 -16.32 -9.12
CA GLN B 186 31.96 -15.65 -7.84
C GLN B 186 30.74 -14.73 -7.92
N LEU B 187 30.57 -14.04 -9.04
CA LEU B 187 29.43 -13.16 -9.23
C LEU B 187 28.13 -13.94 -9.17
N SER B 188 28.08 -15.11 -9.81
CA SER B 188 26.89 -15.94 -9.73
C SER B 188 26.61 -16.35 -8.29
N ASN B 189 27.65 -16.75 -7.56
CA ASN B 189 27.47 -17.15 -6.17
C ASN B 189 26.89 -16.01 -5.32
N ILE B 190 27.51 -14.84 -5.39
CA ILE B 190 27.09 -13.73 -4.55
C ILE B 190 25.70 -13.24 -4.98
N THR B 191 25.40 -13.28 -6.28
CA THR B 191 24.07 -12.89 -6.74
C THR B 191 23.01 -13.81 -6.18
N ARG B 192 23.24 -15.13 -6.25
CA ARG B 192 22.28 -16.07 -5.69
C ARG B 192 22.07 -15.81 -4.21
N SER B 193 23.16 -15.68 -3.45
CA SER B 193 23.03 -15.50 -2.01
C SER B 193 22.28 -14.23 -1.67
N LYS B 194 22.70 -13.10 -2.25
CA LYS B 194 22.09 -11.82 -1.93
C LYS B 194 20.62 -11.78 -2.35
N LEU B 195 20.31 -12.29 -3.55
CA LEU B 195 18.93 -12.28 -4.00
C LEU B 195 18.04 -13.12 -3.09
N ARG B 196 18.50 -14.33 -2.73
CA ARG B 196 17.70 -15.18 -1.87
C ARG B 196 17.46 -14.52 -0.51
N ALA B 197 18.52 -13.97 0.10
CA ALA B 197 18.38 -13.36 1.41
C ALA B 197 17.45 -12.15 1.35
N ALA B 198 17.65 -11.27 0.37
CA ALA B 198 16.85 -10.06 0.29
C ALA B 198 15.38 -10.37 0.03
N PHE B 199 15.10 -11.32 -0.86
CA PHE B 199 13.71 -11.63 -1.15
C PHE B 199 13.05 -12.39 -0.01
N ASN B 200 13.80 -13.22 0.72
CA ASN B 200 13.23 -13.85 1.91
C ASN B 200 12.87 -12.81 2.97
N TYR B 201 13.75 -11.83 3.18
CA TYR B 201 13.45 -10.74 4.11
C TYR B 201 12.23 -9.95 3.66
N GLN B 202 12.16 -9.63 2.38
CA GLN B 202 11.04 -8.85 1.85
C GLN B 202 9.73 -9.61 2.02
N PHE B 203 9.73 -10.92 1.73
CA PHE B 203 8.50 -11.68 1.84
C PHE B 203 8.10 -11.91 3.30
N ASP B 204 9.07 -12.05 4.19
CA ASP B 204 8.74 -12.12 5.61
C ASP B 204 8.08 -10.83 6.09
N SER B 205 8.63 -9.68 5.68
CA SER B 205 8.02 -8.42 6.03
C SER B 205 6.61 -8.30 5.44
N ILE B 206 6.45 -8.76 4.19
CA ILE B 206 5.16 -8.69 3.52
C ILE B 206 4.12 -9.51 4.27
N ILE B 207 4.46 -10.74 4.63
CA ILE B 207 3.48 -11.60 5.31
C ILE B 207 3.18 -11.06 6.70
N GLU B 208 4.19 -10.53 7.39
CA GLU B 208 3.95 -9.95 8.71
C GLU B 208 2.98 -8.76 8.61
N HIS B 209 3.23 -7.87 7.65
CA HIS B 209 2.36 -6.72 7.47
C HIS B 209 0.95 -7.16 7.11
N SER B 210 0.82 -8.13 6.20
CA SER B 210 -0.49 -8.60 5.79
C SER B 210 -1.26 -9.21 6.95
N GLU B 211 -0.59 -10.03 7.77
CA GLU B 211 -1.28 -10.65 8.90
C GLU B 211 -1.69 -9.62 9.93
N LYS B 212 -0.82 -8.63 10.22
CA LYS B 212 -1.19 -7.60 11.17
C LYS B 212 -2.37 -6.77 10.67
N ILE B 213 -2.37 -6.43 9.38
CA ILE B 213 -3.48 -5.66 8.82
C ILE B 213 -4.75 -6.49 8.83
N ALA B 214 -4.65 -7.80 8.58
CA ALA B 214 -5.82 -8.66 8.62
C ALA B 214 -6.41 -8.74 10.02
N LEU B 215 -5.54 -8.86 11.04
CA LEU B 215 -6.03 -8.85 12.41
C LEU B 215 -6.70 -7.53 12.75
N ILE B 216 -6.10 -6.42 12.31
CA ILE B 216 -6.70 -5.10 12.53
C ILE B 216 -8.07 -5.02 11.88
N ALA B 217 -8.19 -5.52 10.65
CA ALA B 217 -9.47 -5.47 9.95
C ALA B 217 -10.51 -6.32 10.63
N GLY B 218 -10.14 -7.52 11.10
CA GLY B 218 -11.09 -8.36 11.80
C GLY B 218 -11.57 -7.73 13.09
N TYR B 219 -10.64 -7.16 13.87
CA TYR B 219 -11.04 -6.48 15.10
C TYR B 219 -11.91 -5.27 14.80
N GLY B 220 -11.60 -4.55 13.72
CA GLY B 220 -12.41 -3.40 13.35
C GLY B 220 -13.81 -3.79 12.94
N LYS B 221 -13.97 -4.90 12.22
CA LYS B 221 -15.30 -5.36 11.87
C LYS B 221 -16.07 -5.82 13.10
N ALA B 222 -15.40 -6.55 14.01
CA ALA B 222 -16.06 -6.94 15.26
C ALA B 222 -16.48 -5.72 16.06
N LEU B 223 -15.70 -4.65 16.01
CA LEU B 223 -16.05 -3.42 16.72
C LEU B 223 -17.16 -2.66 16.00
N LEU B 224 -17.19 -2.70 14.67
CA LEU B 224 -18.30 -2.15 13.91
C LEU B 224 -19.60 -2.85 14.26
N GLU B 225 -19.53 -4.15 14.57
CA GLU B 225 -20.71 -4.86 15.05
C GLU B 225 -21.30 -4.18 16.28
N LEU B 226 -20.45 -3.58 17.12
CA LEU B 226 -20.93 -2.89 18.31
C LEU B 226 -21.82 -1.70 17.96
N LEU B 227 -21.55 -1.05 16.83
CA LEU B 227 -22.34 0.10 16.42
C LEU B 227 -23.81 -0.27 16.29
N ASP B 228 -24.68 0.58 16.82
CA ASP B 228 -26.12 0.38 16.73
C ASP B 228 -26.61 0.96 15.41
N ASP B 229 -26.86 0.10 14.44
CA ASP B 229 -27.31 0.52 13.12
C ASP B 229 -28.83 0.59 13.01
N SER B 230 -29.54 0.30 14.08
CA SER B 230 -31.00 0.36 14.04
C SER B 230 -31.46 1.80 13.93
N PRO B 231 -32.22 2.16 12.89
CA PRO B 231 -32.69 3.54 12.78
C PRO B 231 -33.71 3.87 13.85
N VAL B 232 -33.75 5.14 14.24
CA VAL B 232 -34.72 5.64 15.20
C VAL B 232 -35.85 6.32 14.43
N THR B 233 -37.08 6.05 14.85
CA THR B 233 -38.24 6.60 14.17
C THR B 233 -38.26 8.11 14.29
N PRO B 234 -38.82 8.82 13.32
CA PRO B 234 -38.83 10.28 13.37
C PRO B 234 -39.54 10.80 14.61
N GLY B 235 -38.98 11.86 15.19
CA GLY B 235 -39.54 12.49 16.36
C GLY B 235 -39.22 11.85 17.69
N GLU B 236 -38.46 10.75 17.70
CA GLU B 236 -38.17 10.06 18.94
C GLU B 236 -36.86 10.56 19.57
N THR B 237 -36.61 10.13 20.79
CA THR B 237 -35.41 10.50 21.52
C THR B 237 -34.25 9.59 21.14
N ARG B 238 -33.06 9.95 21.62
CA ARG B 238 -31.85 9.19 21.34
C ARG B 238 -31.62 8.18 22.45
N PRO B 239 -31.54 6.88 22.15
CA PRO B 239 -31.23 5.90 23.19
C PRO B 239 -29.83 6.12 23.74
N ALA B 240 -29.67 5.82 25.03
CA ALA B 240 -28.39 6.03 25.70
C ALA B 240 -27.33 5.10 25.12
N TYR B 241 -26.09 5.61 25.07
CA TYR B 241 -24.96 4.86 24.55
C TYR B 241 -24.15 4.31 25.73
N ASP B 242 -23.83 3.01 25.66
CA ASP B 242 -23.10 2.33 26.73
C ASP B 242 -21.99 1.44 26.18
N GLY B 243 -21.48 1.74 24.98
CA GLY B 243 -20.46 0.94 24.36
C GLY B 243 -19.04 1.34 24.66
N TYR B 244 -18.82 2.22 25.66
CA TYR B 244 -17.46 2.61 26.01
C TYR B 244 -16.64 1.42 26.48
N GLU B 245 -17.23 0.58 27.33
CA GLU B 245 -16.47 -0.54 27.91
C GLU B 245 -16.20 -1.63 26.89
N ALA B 246 -17.18 -1.91 26.02
CA ALA B 246 -17.01 -2.96 25.03
C ALA B 246 -15.91 -2.61 24.03
N SER B 247 -15.95 -1.38 23.50
CA SER B 247 -14.87 -0.94 22.61
C SER B 247 -13.56 -0.80 23.38
N LYS B 248 -13.65 -0.45 24.66
CA LYS B 248 -12.48 -0.38 25.52
C LYS B 248 -11.74 -1.72 25.50
N GLN B 249 -12.47 -2.80 25.79
CA GLN B 249 -11.89 -4.13 25.80
C GLN B 249 -11.48 -4.57 24.41
N ILE B 250 -12.24 -4.18 23.38
CA ILE B 250 -11.89 -4.57 22.01
C ILE B 250 -10.55 -3.99 21.59
N ILE B 251 -10.33 -2.69 21.86
CA ILE B 251 -9.06 -2.08 21.48
C ILE B 251 -7.93 -2.62 22.35
N ILE B 252 -8.22 -2.92 23.62
CA ILE B 252 -7.21 -3.55 24.47
C ILE B 252 -6.79 -4.89 23.87
N ASP B 253 -7.75 -5.70 23.46
CA ASP B 253 -7.46 -7.01 22.88
C ASP B 253 -6.71 -6.87 21.55
N ALA B 254 -7.07 -5.86 20.76
CA ALA B 254 -6.37 -5.64 19.50
C ALA B 254 -4.90 -5.32 19.75
N GLU B 255 -4.61 -4.44 20.71
CA GLU B 255 -3.23 -4.14 21.05
C GLU B 255 -2.50 -5.37 21.57
N SER B 256 -3.17 -6.16 22.42
CA SER B 256 -2.54 -7.35 22.95
C SER B 256 -2.21 -8.35 21.85
N ALA B 257 -3.13 -8.55 20.91
CA ALA B 257 -2.88 -9.46 19.80
C ALA B 257 -1.75 -8.95 18.90
N LEU B 258 -1.69 -7.64 18.67
CA LEU B 258 -0.60 -7.09 17.87
C LEU B 258 0.74 -7.31 18.55
N ASN B 259 0.80 -7.15 19.87
CA ASN B 259 2.03 -7.48 20.59
C ASN B 259 2.35 -8.96 20.50
N GLU B 260 1.34 -9.82 20.58
CA GLU B 260 1.55 -11.26 20.62
C GLU B 260 1.97 -11.86 19.28
N TRP B 261 1.77 -11.15 18.17
CA TRP B 261 2.04 -11.72 16.86
C TRP B 261 3.52 -11.99 16.66
N THR B 262 3.84 -13.20 16.20
CA THR B 262 5.20 -13.60 15.87
C THR B 262 5.22 -14.13 14.44
N LEU B 263 6.43 -14.32 13.91
CA LEU B 263 6.56 -14.89 12.57
C LEU B 263 6.00 -16.30 12.50
N ASP B 264 6.30 -17.11 13.53
CA ASP B 264 5.71 -18.44 13.60
C ASP B 264 4.22 -18.41 13.91
N SER B 265 3.75 -17.34 14.54
CA SER B 265 2.33 -17.22 14.87
C SER B 265 1.46 -17.00 13.64
N ALA B 266 2.06 -16.74 12.47
CA ALA B 266 1.27 -16.58 11.25
C ALA B 266 0.46 -17.83 10.96
N GLN B 267 -0.82 -17.65 10.69
CA GLN B 267 -1.76 -18.75 10.45
C GLN B 267 -2.01 -19.01 8.98
N VAL B 268 -1.27 -18.35 8.09
CA VAL B 268 -1.41 -18.59 6.66
C VAL B 268 -0.67 -19.86 6.29
N LYS B 269 -1.38 -20.79 5.65
CA LYS B 269 -0.83 -22.09 5.29
C LYS B 269 -0.91 -22.29 3.78
N PRO B 270 0.14 -21.97 3.04
CA PRO B 270 0.13 -22.25 1.59
C PRO B 270 0.09 -23.75 1.33
N THR B 271 -0.55 -24.11 0.22
CA THR B 271 -0.70 -25.51 -0.15
C THR B 271 0.01 -25.80 -1.46
C1 I3P C . -14.94 16.26 -10.92
C2 I3P C . -16.42 16.34 -10.52
C3 I3P C . -16.64 17.09 -9.20
C4 I3P C . -15.87 16.47 -8.03
C5 I3P C . -14.72 15.54 -8.47
C6 I3P C . -14.00 16.06 -9.71
O1 I3P C . -14.59 17.44 -11.59
O2 I3P C . -17.12 17.01 -11.54
O3 I3P C . -16.23 18.42 -9.36
O4 I3P C . -16.75 15.73 -7.23
O5 I3P C . -13.80 15.43 -7.42
O6 I3P C . -12.99 15.15 -10.07
P1 I3P C . -14.15 17.34 -13.17
O11 I3P C . -15.19 16.57 -13.94
O12 I3P C . -14.03 18.74 -13.75
O13 I3P C . -12.81 16.64 -13.28
P4 I3P C . -17.70 16.54 -6.14
O41 I3P C . -18.14 15.60 -5.05
O42 I3P C . -16.90 17.67 -5.54
O43 I3P C . -18.91 17.11 -6.84
P5 I3P C . -13.64 13.96 -6.68
O51 I3P C . -14.98 13.53 -6.12
O52 I3P C . -12.65 14.08 -5.55
O53 I3P C . -13.15 12.94 -7.68
N SEP D . -12.20 17.75 -8.62
CA SEP D . -12.05 19.02 -7.94
CB SEP D . -10.59 19.48 -7.98
OG SEP D . -10.00 19.05 -9.16
C SEP D . -12.96 20.07 -8.58
O SEP D . -14.18 19.83 -8.73
OXT SEP D . -12.48 21.18 -8.95
P SEP D . -8.68 18.04 -9.06
O1P SEP D . -9.00 16.90 -8.12
O2P SEP D . -8.36 17.51 -10.43
O3P SEP D . -7.51 18.82 -8.52
C1 I3P E . 24.18 11.51 -3.03
C2 I3P E . 25.01 10.22 -2.94
C3 I3P E . 24.77 9.28 -4.12
C4 I3P E . 23.30 8.88 -4.27
C5 I3P E . 22.33 9.82 -3.53
C6 I3P E . 22.77 11.29 -3.61
O1 I3P E . 24.86 12.43 -3.85
O2 I3P E . 26.38 10.57 -2.92
O3 I3P E . 25.19 9.90 -5.31
O4 I3P E . 23.12 7.57 -3.77
O5 I3P E . 21.06 9.69 -4.09
O6 I3P E . 21.86 12.06 -2.88
P1 I3P E . 25.41 13.83 -3.17
O11 I3P E . 26.20 13.51 -1.93
O12 I3P E . 26.29 14.56 -4.16
O13 I3P E . 24.23 14.71 -2.81
P4 I3P E . 23.53 6.30 -4.74
O41 I3P E . 22.79 5.07 -4.29
O42 I3P E . 23.16 6.62 -6.17
O43 I3P E . 25.02 6.05 -4.65
P5 I3P E . 19.85 9.03 -3.18
O51 I3P E . 20.26 7.65 -2.74
O52 I3P E . 18.58 8.95 -4.01
O53 I3P E . 19.61 9.90 -1.97
N SEP F . 19.75 9.38 -7.70
CA SEP F . 20.06 10.39 -8.71
CB SEP F . 19.41 11.73 -8.35
OG SEP F . 19.34 11.85 -6.97
C SEP F . 21.58 10.54 -8.83
O SEP F . 22.31 9.54 -9.02
OXT SEP F . 22.10 11.69 -8.74
P SEP F . 17.87 12.03 -6.25
O1P SEP F . 16.94 10.93 -6.76
O2P SEP F . 18.02 11.91 -4.76
O3P SEP F . 17.30 13.37 -6.60
#